data_6B37
#
_entry.id   6B37
#
_cell.length_a   100.000
_cell.length_b   100.000
_cell.length_c   100.000
_cell.angle_alpha   90.00
_cell.angle_beta   90.00
_cell.angle_gamma   90.00
#
_symmetry.space_group_name_H-M   'P 21 3'
#
loop_
_entity.id
_entity.type
_entity.pdbx_description
1 polymer 'Purine nucleoside phosphorylase'
2 non-polymer 'DIMETHYL SULFOXIDE'
3 non-polymer 1,3-benzothiazol-2-ol
4 water water
#
_entity_poly.entity_id   1
_entity_poly.type   'polypeptide(L)'
_entity_poly.pdbx_seq_one_letter_code
;MTTPVVANYENASMAADYIKRVSNVLPDIGII(CME)GSGLGKLIEEIEERKVIPYINIPNFPKTTVAGHVGNLVLGSVG
GRKIVAMQGRLHMYEGYSNQEIALPIRVMKLLGVRVLLITNLAGGINRKLKSGDFVLIKGHINFPGLGLNNVLVGPNQDE
FGPRFPDLSNAYDRLLQQLALKIAQENDFQDLVHEGVYAFNGGPTYESPDESNMLLKLGCDVVGMSTVPEVIIACHCGIK
VLAVSLIANNSILDAENDVSINHEKVLAVAEKRADLLQMWFKEIITRLPLD
;
_entity_poly.pdbx_strand_id   A
#
loop_
_chem_comp.id
_chem_comp.type
_chem_comp.name
_chem_comp.formula
CGD non-polymer 1,3-benzothiazol-2-ol 'C7 H5 N O S'
DMS non-polymer 'DIMETHYL SULFOXIDE' 'C2 H6 O S'
#
# COMPACT_ATOMS: atom_id res chain seq x y z
N VAL A 5 22.06 1.68 4.67
CA VAL A 5 21.97 2.85 3.77
C VAL A 5 20.78 3.74 4.22
N VAL A 6 21.03 5.04 4.41
CA VAL A 6 20.00 5.99 4.82
C VAL A 6 19.16 6.42 3.62
N ALA A 7 17.85 6.64 3.84
CA ALA A 7 16.96 7.12 2.79
C ALA A 7 17.06 8.65 2.62
N ASN A 8 18.25 9.11 2.24
CA ASN A 8 18.55 10.53 2.08
C ASN A 8 18.53 10.91 0.60
N TYR A 9 18.72 12.22 0.37
CA TYR A 9 18.57 12.82 -0.96
C TYR A 9 19.63 12.28 -1.93
N GLU A 10 20.88 12.16 -1.48
CA GLU A 10 21.95 11.68 -2.34
C GLU A 10 21.74 10.22 -2.72
N ASN A 11 21.33 9.38 -1.77
CA ASN A 11 21.17 7.95 -2.07
C ASN A 11 19.96 7.70 -2.96
N ALA A 12 18.85 8.39 -2.70
CA ALA A 12 17.68 8.29 -3.57
C ALA A 12 17.97 8.81 -4.97
N SER A 13 18.78 9.88 -5.08
CA SER A 13 19.13 10.44 -6.40
C SER A 13 19.94 9.45 -7.25
N MET A 14 20.86 8.70 -6.63
N MET A 14 20.83 8.68 -6.63
CA MET A 14 21.63 7.70 -7.36
CA MET A 14 21.63 7.73 -7.41
C MET A 14 20.71 6.64 -7.95
C MET A 14 20.76 6.58 -7.92
N ALA A 15 19.77 6.15 -7.14
CA ALA A 15 18.82 5.15 -7.60
C ALA A 15 17.97 5.70 -8.75
N ALA A 16 17.43 6.92 -8.59
CA ALA A 16 16.59 7.49 -9.63
C ALA A 16 17.35 7.68 -10.94
N ASP A 17 18.63 8.08 -10.87
CA ASP A 17 19.42 8.25 -12.08
C ASP A 17 19.58 6.94 -12.86
N TYR A 18 19.85 5.84 -12.14
CA TYR A 18 19.95 4.52 -12.78
C TYR A 18 18.65 4.15 -13.47
N ILE A 19 17.52 4.32 -12.78
CA ILE A 19 16.22 3.94 -13.34
C ILE A 19 15.92 4.75 -14.60
N LYS A 20 16.18 6.05 -14.58
CA LYS A 20 15.93 6.88 -15.76
C LYS A 20 16.77 6.44 -16.96
N ARG A 21 18.00 5.99 -16.71
CA ARG A 21 18.89 5.60 -17.82
C ARG A 21 18.53 4.24 -18.41
N VAL A 22 17.88 3.38 -17.63
CA VAL A 22 17.47 2.07 -18.12
C VAL A 22 16.10 2.08 -18.76
N SER A 23 15.21 3.00 -18.37
CA SER A 23 13.77 2.88 -18.58
C SER A 23 13.20 3.83 -19.62
N ASN A 24 13.62 5.08 -19.62
CA ASN A 24 13.09 6.11 -20.52
C ASN A 24 11.62 6.42 -20.24
N VAL A 25 11.12 6.04 -19.07
CA VAL A 25 9.75 6.37 -18.64
C VAL A 25 9.86 7.37 -17.50
N LEU A 26 9.11 8.47 -17.60
CA LEU A 26 8.95 9.37 -16.46
C LEU A 26 7.54 9.22 -15.93
N PRO A 27 7.33 8.43 -14.87
CA PRO A 27 5.98 8.16 -14.39
C PRO A 27 5.46 9.28 -13.50
N ASP A 28 4.15 9.50 -13.52
CA ASP A 28 3.54 10.35 -12.50
C ASP A 28 2.58 9.61 -11.59
N ILE A 29 2.44 8.30 -11.74
CA ILE A 29 1.59 7.46 -10.88
C ILE A 29 2.41 6.26 -10.40
N GLY A 30 2.35 5.97 -9.10
CA GLY A 30 2.96 4.77 -8.55
C GLY A 30 1.90 3.83 -7.99
N ILE A 31 2.20 2.53 -8.01
CA ILE A 31 1.26 1.53 -7.47
C ILE A 31 2.03 0.47 -6.66
N ILE A 32 1.42 0.05 -5.54
CA ILE A 32 1.89 -1.00 -4.64
C ILE A 32 0.71 -1.95 -4.39
N CME A 33 0.88 -3.23 -4.73
CA CME A 33 -0.24 -4.17 -4.77
CB CME A 33 -0.39 -4.84 -6.13
SG CME A 33 -0.55 -3.68 -7.47
SD CME A 33 -2.27 -2.56 -7.07
CE CME A 33 -3.46 -3.12 -8.23
CZ CME A 33 -4.71 -3.70 -7.61
OH CME A 33 -4.30 -4.61 -6.59
C CME A 33 -0.08 -5.18 -3.63
O CME A 33 1.01 -5.65 -3.26
HA CME A 33 -1.18 -3.56 -4.56
HB2 CME A 33 -1.27 -5.54 -6.11
HB3 CME A 33 0.53 -5.44 -6.40
HE2 CME A 33 -2.92 -3.92 -8.80
HE3 CME A 33 -3.75 -2.32 -8.95
HZ2 CME A 33 -5.32 -4.23 -8.39
HZ3 CME A 33 -5.34 -2.88 -7.15
HH CME A 33 -3.68 -5.22 -7.01
N GLY A 34 -1.23 -5.54 -3.06
CA GLY A 34 -1.30 -6.47 -1.94
C GLY A 34 -1.16 -7.94 -2.30
N SER A 35 -1.16 -8.82 -1.28
CA SER A 35 -0.90 -10.23 -1.52
C SER A 35 -1.93 -10.82 -2.47
N GLY A 36 -1.47 -11.40 -3.57
CA GLY A 36 -2.37 -12.03 -4.53
C GLY A 36 -3.11 -11.05 -5.41
N LEU A 37 -2.76 -9.76 -5.37
CA LEU A 37 -3.48 -8.73 -6.10
C LEU A 37 -2.60 -8.02 -7.12
N GLY A 38 -1.61 -8.70 -7.68
CA GLY A 38 -0.68 -8.05 -8.57
C GLY A 38 -0.85 -8.30 -10.06
N LYS A 39 -1.97 -8.89 -10.50
CA LYS A 39 -2.11 -9.22 -11.91
C LYS A 39 -2.00 -7.99 -12.81
N LEU A 40 -2.40 -6.81 -12.33
CA LEU A 40 -2.34 -5.62 -13.18
C LEU A 40 -0.90 -5.34 -13.64
N ILE A 41 0.07 -5.63 -12.78
CA ILE A 41 1.47 -5.37 -13.13
C ILE A 41 1.89 -6.21 -14.32
N GLU A 42 1.41 -7.45 -14.39
CA GLU A 42 1.72 -8.33 -15.52
C GLU A 42 1.16 -7.81 -16.84
N GLU A 43 0.33 -6.77 -16.82
CA GLU A 43 -0.31 -6.27 -18.04
C GLU A 43 0.11 -4.85 -18.39
N ILE A 44 1.11 -4.31 -17.70
CA ILE A 44 1.66 -3.01 -18.07
C ILE A 44 2.21 -3.08 -19.49
N GLU A 45 1.98 -2.02 -20.27
CA GLU A 45 2.34 -1.97 -21.68
C GLU A 45 3.68 -1.28 -21.88
N GLU A 46 4.39 -1.70 -22.93
CA GLU A 46 5.69 -1.14 -23.29
C GLU A 46 6.58 -1.04 -22.05
N ARG A 47 6.75 -2.18 -21.38
CA ARG A 47 7.22 -2.18 -20.01
C ARG A 47 8.69 -2.56 -19.90
N LYS A 48 9.29 -2.09 -18.79
CA LYS A 48 10.67 -2.37 -18.43
C LYS A 48 10.68 -2.91 -17.02
N VAL A 49 11.29 -4.08 -16.82
CA VAL A 49 11.40 -4.73 -15.52
C VAL A 49 12.81 -4.52 -14.99
N ILE A 50 12.94 -3.94 -13.80
CA ILE A 50 14.22 -3.64 -13.18
C ILE A 50 14.27 -4.34 -11.83
N PRO A 51 15.01 -5.46 -11.72
CA PRO A 51 15.15 -6.12 -10.40
C PRO A 51 15.76 -5.21 -9.36
N TYR A 52 15.21 -5.24 -8.13
CA TYR A 52 15.74 -4.43 -7.05
C TYR A 52 17.25 -4.63 -6.87
N ILE A 53 17.72 -5.87 -7.01
CA ILE A 53 19.13 -6.17 -6.75
C ILE A 53 20.06 -5.36 -7.65
N ASN A 54 19.57 -4.85 -8.80
CA ASN A 54 20.38 -4.09 -9.74
C ASN A 54 20.34 -2.57 -9.50
N ILE A 55 19.49 -2.07 -8.61
CA ILE A 55 19.28 -0.63 -8.45
C ILE A 55 20.18 -0.13 -7.31
N PRO A 56 21.07 0.83 -7.57
CA PRO A 56 21.90 1.37 -6.48
C PRO A 56 21.08 1.76 -5.26
N ASN A 57 21.55 1.35 -4.09
CA ASN A 57 20.99 1.71 -2.78
C ASN A 57 19.61 1.12 -2.49
N PHE A 58 19.05 0.26 -3.35
CA PHE A 58 17.82 -0.41 -2.97
C PHE A 58 18.09 -1.47 -1.90
N PRO A 59 17.13 -1.74 -1.03
CA PRO A 59 17.35 -2.71 0.05
C PRO A 59 17.58 -4.11 -0.47
N LYS A 60 18.40 -4.84 0.27
CA LYS A 60 18.66 -6.26 0.00
C LYS A 60 17.43 -7.07 0.42
N THR A 61 16.90 -7.88 -0.52
CA THR A 61 15.72 -8.70 -0.25
C THR A 61 15.95 -10.19 -0.48
N THR A 62 17.19 -10.67 -0.39
CA THR A 62 17.44 -12.07 -0.71
C THR A 62 17.14 -12.99 0.47
N VAL A 63 17.25 -12.51 1.71
CA VAL A 63 16.92 -13.37 2.85
C VAL A 63 15.46 -13.80 2.78
N ALA A 64 14.58 -12.85 2.44
CA ALA A 64 13.16 -13.18 2.27
C ALA A 64 12.94 -14.00 1.01
N GLY A 65 13.61 -13.63 -0.08
CA GLY A 65 13.44 -14.32 -1.35
C GLY A 65 12.26 -13.79 -2.14
N HIS A 66 11.83 -14.60 -3.10
CA HIS A 66 10.67 -14.31 -3.92
C HIS A 66 10.89 -13.06 -4.76
N VAL A 67 9.85 -12.62 -5.47
CA VAL A 67 10.00 -11.60 -6.51
C VAL A 67 10.35 -10.26 -5.88
N GLY A 68 11.24 -9.50 -6.55
CA GLY A 68 11.49 -8.12 -6.19
C GLY A 68 11.90 -7.25 -7.38
N ASN A 69 10.92 -6.60 -8.05
CA ASN A 69 11.16 -5.83 -9.27
C ASN A 69 10.42 -4.49 -9.24
N LEU A 70 11.04 -3.45 -9.80
CA LEU A 70 10.33 -2.25 -10.25
C LEU A 70 9.91 -2.45 -11.69
N VAL A 71 8.64 -2.12 -12.01
CA VAL A 71 8.11 -2.27 -13.37
C VAL A 71 7.57 -0.91 -13.81
N LEU A 72 8.09 -0.39 -14.94
CA LEU A 72 7.65 0.88 -15.50
C LEU A 72 6.98 0.67 -16.84
N GLY A 73 5.95 1.45 -17.13
CA GLY A 73 5.28 1.34 -18.43
C GLY A 73 4.01 2.18 -18.48
N SER A 74 3.10 1.77 -19.37
CA SER A 74 1.87 2.51 -19.63
C SER A 74 0.65 1.68 -19.27
N VAL A 75 -0.33 2.32 -18.61
CA VAL A 75 -1.64 1.74 -18.36
C VAL A 75 -2.70 2.79 -18.68
N GLY A 76 -3.65 2.44 -19.54
CA GLY A 76 -4.70 3.37 -19.88
C GLY A 76 -4.18 4.71 -20.37
N GLY A 77 -3.04 4.68 -21.07
CA GLY A 77 -2.42 5.90 -21.57
C GLY A 77 -1.61 6.70 -20.56
N ARG A 78 -1.50 6.24 -19.32
CA ARG A 78 -0.78 6.96 -18.28
C ARG A 78 0.56 6.27 -18.00
N LYS A 79 1.56 7.06 -17.58
CA LYS A 79 2.89 6.53 -17.28
C LYS A 79 2.97 6.17 -15.79
N ILE A 80 3.33 4.91 -15.48
CA ILE A 80 3.29 4.41 -14.10
C ILE A 80 4.58 3.67 -13.72
N VAL A 81 4.79 3.55 -12.40
CA VAL A 81 5.82 2.69 -11.84
C VAL A 81 5.20 1.86 -10.72
N ALA A 82 5.45 0.56 -10.74
CA ALA A 82 4.90 -0.39 -9.78
C ALA A 82 6.01 -1.08 -9.00
N MET A 83 5.75 -1.30 -7.71
CA MET A 83 6.57 -2.21 -6.91
C MET A 83 5.97 -3.62 -7.01
N GLN A 84 6.76 -4.56 -7.53
CA GLN A 84 6.37 -5.96 -7.65
C GLN A 84 7.19 -6.74 -6.63
N GLY A 85 6.58 -6.98 -5.46
CA GLY A 85 7.32 -7.41 -4.29
C GLY A 85 7.38 -6.29 -3.27
N ARG A 86 6.44 -6.29 -2.34
CA ARG A 86 6.31 -5.24 -1.35
C ARG A 86 7.13 -5.56 -0.11
N LEU A 87 7.72 -4.52 0.48
CA LEU A 87 8.50 -4.68 1.70
C LEU A 87 7.61 -4.47 2.92
N HIS A 88 7.68 -5.41 3.87
CA HIS A 88 6.89 -5.35 5.11
C HIS A 88 7.76 -5.23 6.35
N MET A 89 7.34 -4.43 7.33
CA MET A 89 8.19 -4.21 8.50
C MET A 89 8.26 -5.45 9.41
N TYR A 90 7.27 -6.35 9.38
CA TYR A 90 7.39 -7.58 10.18
C TYR A 90 8.52 -8.50 9.69
N GLU A 91 9.09 -8.25 8.50
CA GLU A 91 10.21 -9.04 7.98
C GLU A 91 11.55 -8.63 8.58
N GLY A 92 11.58 -7.48 9.27
CA GLY A 92 12.78 -6.94 9.88
C GLY A 92 13.45 -5.80 9.13
N TYR A 93 12.85 -5.34 8.03
CA TYR A 93 13.40 -4.18 7.32
C TYR A 93 13.33 -2.95 8.20
N SER A 94 14.33 -2.09 8.06
CA SER A 94 14.37 -0.85 8.84
C SER A 94 13.49 0.23 8.20
N ASN A 95 13.28 1.30 9.00
CA ASN A 95 12.64 2.53 8.53
C ASN A 95 13.22 3.02 7.23
N GLN A 96 14.56 3.03 7.16
CA GLN A 96 15.25 3.58 5.99
C GLN A 96 15.01 2.71 4.76
N GLU A 97 14.94 1.39 4.95
CA GLU A 97 14.73 0.50 3.81
C GLU A 97 13.32 0.64 3.24
N ILE A 98 12.30 0.75 4.11
CA ILE A 98 10.93 0.97 3.66
C ILE A 98 10.80 2.28 2.91
N ALA A 99 11.46 3.32 3.40
CA ALA A 99 11.25 4.66 2.86
C ALA A 99 11.94 4.91 1.53
N LEU A 100 13.10 4.30 1.27
CA LEU A 100 13.88 4.69 0.09
C LEU A 100 13.13 4.50 -1.23
N PRO A 101 12.43 3.39 -1.48
CA PRO A 101 11.71 3.27 -2.77
C PRO A 101 10.63 4.33 -2.98
N ILE A 102 9.93 4.76 -1.90
CA ILE A 102 8.90 5.78 -2.04
C ILE A 102 9.54 7.13 -2.38
N ARG A 103 10.67 7.45 -1.73
CA ARG A 103 11.38 8.70 -2.04
C ARG A 103 11.98 8.67 -3.45
N VAL A 104 12.38 7.49 -3.96
CA VAL A 104 12.80 7.39 -5.36
C VAL A 104 11.61 7.67 -6.29
N MET A 105 10.43 7.15 -5.97
CA MET A 105 9.24 7.48 -6.76
C MET A 105 9.04 8.99 -6.84
N LYS A 106 9.15 9.67 -5.70
CA LYS A 106 9.04 11.12 -5.69
C LYS A 106 10.01 11.77 -6.67
N LEU A 107 11.28 11.39 -6.61
CA LEU A 107 12.28 12.01 -7.49
C LEU A 107 12.03 11.71 -8.96
N LEU A 108 11.42 10.55 -9.26
CA LEU A 108 11.09 10.18 -10.64
C LEU A 108 9.90 10.98 -11.18
N GLY A 109 9.12 11.60 -10.31
CA GLY A 109 8.00 12.44 -10.73
C GLY A 109 6.63 11.99 -10.27
N VAL A 110 6.54 10.97 -9.41
CA VAL A 110 5.25 10.43 -8.98
C VAL A 110 4.50 11.47 -8.14
N ARG A 111 3.22 11.68 -8.48
CA ARG A 111 2.36 12.62 -7.77
C ARG A 111 1.20 11.96 -7.05
N VAL A 112 0.83 10.72 -7.44
CA VAL A 112 -0.27 9.94 -6.89
C VAL A 112 0.22 8.51 -6.68
N LEU A 113 -0.04 7.95 -5.48
CA LEU A 113 0.30 6.57 -5.14
C LEU A 113 -0.96 5.78 -4.81
N LEU A 114 -1.18 4.66 -5.53
CA LEU A 114 -2.34 3.79 -5.37
C LEU A 114 -1.89 2.51 -4.67
N ILE A 115 -2.59 2.11 -3.59
CA ILE A 115 -2.18 1.00 -2.72
C ILE A 115 -3.36 0.06 -2.47
N THR A 116 -3.12 -1.26 -2.53
CA THR A 116 -4.08 -2.26 -2.05
C THR A 116 -3.43 -3.14 -0.99
N ASN A 117 -4.29 -3.75 -0.15
CA ASN A 117 -3.84 -4.69 0.88
C ASN A 117 -4.97 -5.67 1.21
N LEU A 118 -4.60 -6.78 1.88
CA LEU A 118 -5.55 -7.70 2.49
C LEU A 118 -5.66 -7.41 3.98
N ALA A 119 -6.89 -7.42 4.52
CA ALA A 119 -7.12 -6.99 5.89
C ALA A 119 -8.24 -7.79 6.55
N GLY A 120 -8.22 -7.80 7.88
CA GLY A 120 -9.31 -8.40 8.66
C GLY A 120 -10.41 -7.39 8.96
N GLY A 121 -11.65 -7.85 8.95
CA GLY A 121 -12.77 -6.97 9.25
C GLY A 121 -13.06 -6.91 10.74
N ILE A 122 -13.29 -5.69 11.24
CA ILE A 122 -13.66 -5.43 12.63
C ILE A 122 -15.11 -4.92 12.74
N ASN A 123 -15.43 -3.89 11.95
CA ASN A 123 -16.79 -3.37 11.87
C ASN A 123 -17.78 -4.48 11.54
N ARG A 124 -18.93 -4.48 12.22
CA ARG A 124 -19.93 -5.54 12.02
C ARG A 124 -20.58 -5.52 10.65
N LYS A 125 -20.46 -4.42 9.89
CA LYS A 125 -21.04 -4.37 8.55
C LYS A 125 -20.16 -5.03 7.49
N LEU A 126 -18.95 -5.49 7.86
CA LEU A 126 -17.97 -5.97 6.89
C LEU A 126 -17.96 -7.50 6.84
N LYS A 127 -17.86 -8.06 5.64
CA LYS A 127 -17.76 -9.50 5.46
C LYS A 127 -16.71 -9.83 4.40
N SER A 128 -16.34 -11.11 4.36
CA SER A 128 -15.37 -11.60 3.38
C SER A 128 -15.74 -11.15 1.97
N GLY A 129 -14.75 -10.62 1.25
CA GLY A 129 -14.94 -10.17 -0.11
C GLY A 129 -15.31 -8.70 -0.28
N ASP A 130 -15.56 -7.97 0.80
CA ASP A 130 -15.87 -6.55 0.70
C ASP A 130 -14.59 -5.75 0.47
N PHE A 131 -14.76 -4.54 -0.07
CA PHE A 131 -13.70 -3.54 -0.21
C PHE A 131 -13.91 -2.37 0.75
N VAL A 132 -12.83 -1.86 1.34
CA VAL A 132 -12.89 -0.68 2.21
C VAL A 132 -11.96 0.41 1.66
N LEU A 133 -12.54 1.57 1.28
CA LEU A 133 -11.73 2.76 1.01
C LEU A 133 -11.23 3.31 2.34
N ILE A 134 -9.92 3.40 2.52
CA ILE A 134 -9.38 3.82 3.81
C ILE A 134 -9.45 5.35 3.92
N LYS A 135 -10.07 5.85 5.01
CA LYS A 135 -10.23 7.28 5.21
C LYS A 135 -9.37 7.84 6.34
N GLY A 136 -8.71 6.98 7.13
CA GLY A 136 -7.87 7.37 8.26
C GLY A 136 -7.25 6.12 8.85
N HIS A 137 -6.38 6.31 9.85
CA HIS A 137 -5.71 5.15 10.44
C HIS A 137 -5.39 5.35 11.93
N ILE A 138 -5.12 4.21 12.58
CA ILE A 138 -4.61 4.17 13.96
C ILE A 138 -3.29 3.42 13.90
N ASN A 139 -2.19 4.12 14.17
CA ASN A 139 -0.84 3.63 13.94
C ASN A 139 -0.23 3.18 15.28
N PHE A 140 -0.50 1.94 15.68
CA PHE A 140 0.03 1.48 16.97
C PHE A 140 1.57 1.53 17.01
N PRO A 141 2.31 1.12 16.00
CA PRO A 141 3.77 1.31 16.06
C PRO A 141 4.20 2.77 16.24
N GLY A 142 3.54 3.70 15.55
CA GLY A 142 3.86 5.13 15.69
C GLY A 142 3.67 5.69 17.09
N LEU A 143 2.54 5.40 17.71
CA LEU A 143 2.35 5.85 19.09
C LEU A 143 3.44 5.27 20.00
N GLY A 144 3.90 4.04 19.70
CA GLY A 144 4.85 3.31 20.55
C GLY A 144 6.33 3.41 20.22
N LEU A 145 6.77 4.47 19.55
CA LEU A 145 8.16 4.83 19.22
C LEU A 145 8.76 3.99 18.09
N ASN A 146 7.92 3.35 17.26
CA ASN A 146 8.37 2.68 16.03
C ASN A 146 7.78 3.32 14.76
N ASN A 147 7.48 4.63 14.78
CA ASN A 147 7.06 5.34 13.55
C ASN A 147 8.13 5.21 12.49
N VAL A 148 7.70 5.11 11.23
CA VAL A 148 8.64 5.03 10.09
C VAL A 148 9.52 6.28 9.97
N LEU A 149 9.12 7.39 10.57
CA LEU A 149 9.92 8.62 10.52
C LEU A 149 10.85 8.83 11.73
N VAL A 150 10.91 7.89 12.69
CA VAL A 150 11.88 8.02 13.78
C VAL A 150 13.31 8.01 13.20
N GLY A 151 14.12 9.00 13.62
CA GLY A 151 15.47 9.22 13.11
C GLY A 151 15.62 10.69 12.70
N PRO A 152 16.79 11.06 12.21
CA PRO A 152 16.96 12.42 11.68
C PRO A 152 15.95 12.69 10.59
N ASN A 153 15.48 13.94 10.49
CA ASN A 153 14.61 14.30 9.36
C ASN A 153 15.45 14.56 8.11
N GLN A 154 14.97 14.04 6.97
CA GLN A 154 15.56 14.34 5.64
C GLN A 154 14.81 15.55 5.07
N ASP A 155 15.37 16.75 5.33
CA ASP A 155 14.66 18.02 5.09
C ASP A 155 14.32 18.23 3.61
N GLU A 156 15.10 17.66 2.68
CA GLU A 156 14.83 17.83 1.26
C GLU A 156 13.48 17.25 0.85
N PHE A 157 13.01 16.26 1.59
CA PHE A 157 11.75 15.58 1.28
C PHE A 157 10.53 16.16 1.98
N GLY A 158 10.65 16.67 3.21
CA GLY A 158 9.49 17.14 3.96
C GLY A 158 9.84 17.62 5.36
N PRO A 159 8.81 17.98 6.13
CA PRO A 159 8.99 18.63 7.44
C PRO A 159 9.24 17.68 8.59
N ARG A 160 9.82 18.23 9.67
CA ARG A 160 10.15 17.43 10.85
C ARG A 160 8.88 16.80 11.47
N PHE A 161 7.77 17.56 11.51
CA PHE A 161 6.52 17.13 12.18
C PHE A 161 5.36 17.16 11.18
N PRO A 162 5.14 16.08 10.41
CA PRO A 162 4.02 16.09 9.45
C PRO A 162 2.64 16.00 10.08
N ASP A 163 1.69 16.63 9.38
CA ASP A 163 0.26 16.54 9.62
C ASP A 163 -0.33 15.50 8.68
N LEU A 164 -1.01 14.47 9.23
CA LEU A 164 -1.57 13.37 8.45
C LEU A 164 -3.08 13.50 8.20
N SER A 165 -3.69 14.65 8.53
CA SER A 165 -5.15 14.72 8.45
C SER A 165 -5.69 14.64 7.03
N ASN A 166 -4.87 14.93 6.00
CA ASN A 166 -5.29 14.77 4.61
C ASN A 166 -4.44 13.70 3.89
N ALA A 167 -3.93 12.71 4.63
CA ALA A 167 -3.08 11.67 4.03
C ALA A 167 -3.83 10.87 2.98
N TYR A 168 -5.14 10.67 3.17
CA TYR A 168 -5.99 9.87 2.26
C TYR A 168 -6.88 10.84 1.49
N ASP A 169 -6.46 11.16 0.25
CA ASP A 169 -7.12 12.18 -0.58
C ASP A 169 -8.62 11.91 -0.75
N ARG A 170 -9.42 12.93 -0.44
CA ARG A 170 -10.87 12.78 -0.50
C ARG A 170 -11.40 12.63 -1.93
N LEU A 171 -10.85 13.39 -2.89
CA LEU A 171 -11.33 13.31 -4.26
C LEU A 171 -11.04 11.95 -4.88
N LEU A 172 -9.92 11.33 -4.52
CA LEU A 172 -9.62 9.99 -5.04
C LEU A 172 -10.58 8.96 -4.48
N GLN A 173 -10.96 9.08 -3.21
CA GLN A 173 -11.98 8.18 -2.66
C GLN A 173 -13.30 8.34 -3.44
N GLN A 174 -13.67 9.57 -3.78
CA GLN A 174 -14.92 9.80 -4.51
C GLN A 174 -14.85 9.22 -5.92
N LEU A 175 -13.69 9.33 -6.58
CA LEU A 175 -13.56 8.77 -7.92
C LEU A 175 -13.67 7.25 -7.88
N ALA A 176 -13.04 6.61 -6.89
CA ALA A 176 -13.11 5.16 -6.77
C ALA A 176 -14.54 4.70 -6.58
N LEU A 177 -15.29 5.40 -5.74
CA LEU A 177 -16.69 5.04 -5.54
C LEU A 177 -17.50 5.27 -6.80
N LYS A 178 -17.25 6.37 -7.52
CA LYS A 178 -18.00 6.64 -8.74
C LYS A 178 -17.87 5.50 -9.74
N ILE A 179 -16.65 4.98 -9.91
CA ILE A 179 -16.42 3.90 -10.86
C ILE A 179 -17.13 2.62 -10.41
N ALA A 180 -17.13 2.33 -9.11
CA ALA A 180 -17.90 1.19 -8.61
C ALA A 180 -19.38 1.34 -8.94
N GLN A 181 -19.94 2.54 -8.80
CA GLN A 181 -21.34 2.76 -9.12
C GLN A 181 -21.61 2.61 -10.61
N GLU A 182 -20.68 3.07 -11.45
CA GLU A 182 -20.86 3.00 -12.90
C GLU A 182 -20.92 1.56 -13.38
N ASN A 183 -20.23 0.66 -12.68
CA ASN A 183 -20.17 -0.76 -13.04
C ASN A 183 -20.96 -1.63 -12.06
N ASP A 184 -21.80 -1.03 -11.22
CA ASP A 184 -22.80 -1.71 -10.40
C ASP A 184 -22.20 -2.72 -9.39
N PHE A 185 -21.04 -2.41 -8.80
CA PHE A 185 -20.59 -3.21 -7.65
C PHE A 185 -20.40 -2.34 -6.40
N GLN A 186 -21.14 -1.22 -6.31
CA GLN A 186 -21.04 -0.33 -5.16
C GLN A 186 -21.50 -0.98 -3.85
N ASP A 187 -22.37 -2.00 -3.93
CA ASP A 187 -22.78 -2.70 -2.71
C ASP A 187 -21.62 -3.42 -2.02
N LEU A 188 -20.49 -3.59 -2.70
CA LEU A 188 -19.29 -4.15 -2.06
C LEU A 188 -18.41 -3.11 -1.39
N VAL A 189 -18.65 -1.81 -1.60
CA VAL A 189 -17.67 -0.78 -1.27
C VAL A 189 -18.09 -0.03 -0.02
N HIS A 190 -17.23 -0.04 1.01
CA HIS A 190 -17.40 0.68 2.28
C HIS A 190 -16.28 1.70 2.46
N GLU A 191 -16.36 2.49 3.53
CA GLU A 191 -15.24 3.34 3.97
C GLU A 191 -14.92 3.02 5.42
N GLY A 192 -13.68 3.27 5.86
CA GLY A 192 -13.34 2.91 7.22
C GLY A 192 -11.92 3.31 7.65
N VAL A 193 -11.69 3.13 8.96
CA VAL A 193 -10.42 3.41 9.64
C VAL A 193 -9.59 2.12 9.75
N TYR A 194 -8.32 2.20 9.31
CA TYR A 194 -7.37 1.07 9.28
C TYR A 194 -6.43 1.07 10.49
N ALA A 195 -6.46 -0.03 11.27
CA ALA A 195 -5.52 -0.24 12.36
C ALA A 195 -4.28 -0.96 11.84
N PHE A 196 -3.10 -0.41 12.10
CA PHE A 196 -1.83 -1.04 11.74
C PHE A 196 -1.34 -1.94 12.88
N ASN A 197 -1.47 -3.26 12.68
CA ASN A 197 -0.89 -4.32 13.52
C ASN A 197 0.50 -4.63 12.97
N GLY A 198 1.55 -4.38 13.77
CA GLY A 198 2.90 -4.63 13.26
C GLY A 198 3.13 -6.05 12.75
N GLY A 199 2.50 -7.06 13.37
CA GLY A 199 2.58 -8.43 12.87
C GLY A 199 3.85 -9.16 13.31
N PRO A 200 4.08 -10.40 12.86
CA PRO A 200 3.37 -11.14 11.79
C PRO A 200 2.24 -12.05 12.27
N THR A 201 1.97 -12.14 13.58
CA THR A 201 0.81 -12.90 14.04
C THR A 201 -0.48 -12.15 13.74
N TYR A 202 -1.51 -12.90 13.29
CA TYR A 202 -2.84 -12.30 13.18
C TYR A 202 -3.27 -11.80 14.55
N GLU A 203 -4.05 -10.73 14.57
CA GLU A 203 -4.61 -10.24 15.83
C GLU A 203 -5.31 -11.37 16.58
N SER A 204 -5.07 -11.47 17.90
CA SER A 204 -5.72 -12.48 18.72
C SER A 204 -7.21 -12.17 18.89
N PRO A 205 -8.01 -13.15 19.34
CA PRO A 205 -9.45 -12.87 19.55
C PRO A 205 -9.68 -11.69 20.49
N ASP A 206 -8.91 -11.60 21.58
CA ASP A 206 -9.11 -10.51 22.52
C ASP A 206 -8.57 -9.18 21.98
N GLU A 207 -7.49 -9.20 21.17
CA GLU A 207 -7.06 -7.98 20.47
C GLU A 207 -8.16 -7.49 19.50
N SER A 208 -8.85 -8.41 18.80
CA SER A 208 -9.93 -8.02 17.89
C SER A 208 -11.02 -7.28 18.66
N ASN A 209 -11.43 -7.84 19.79
CA ASN A 209 -12.46 -7.18 20.62
C ASN A 209 -11.99 -5.80 21.09
N MET A 210 -10.72 -5.65 21.45
CA MET A 210 -10.19 -4.33 21.82
C MET A 210 -10.30 -3.35 20.67
N LEU A 211 -9.91 -3.78 19.46
CA LEU A 211 -9.94 -2.90 18.29
C LEU A 211 -11.35 -2.41 17.98
N LEU A 212 -12.36 -3.24 18.21
CA LEU A 212 -13.74 -2.79 18.06
C LEU A 212 -14.03 -1.63 19.01
N LYS A 213 -13.61 -1.76 20.28
CA LYS A 213 -13.84 -0.70 21.27
C LYS A 213 -13.18 0.61 20.87
N LEU A 214 -12.06 0.56 20.15
CA LEU A 214 -11.25 1.75 19.86
C LEU A 214 -11.66 2.48 18.57
N GLY A 215 -12.69 1.99 17.89
CA GLY A 215 -13.15 2.64 16.68
C GLY A 215 -12.48 2.19 15.40
N CYS A 216 -11.80 1.05 15.42
CA CYS A 216 -11.18 0.53 14.20
C CYS A 216 -12.20 -0.22 13.35
N ASP A 217 -12.10 -0.06 12.03
CA ASP A 217 -12.98 -0.78 11.13
C ASP A 217 -12.33 -2.00 10.47
N VAL A 218 -11.02 -1.95 10.22
CA VAL A 218 -10.25 -3.04 9.62
C VAL A 218 -8.88 -3.06 10.29
N VAL A 219 -8.16 -4.18 10.13
CA VAL A 219 -6.82 -4.36 10.68
C VAL A 219 -5.90 -5.04 9.66
N GLY A 220 -4.69 -4.50 9.50
CA GLY A 220 -3.71 -5.07 8.57
C GLY A 220 -2.28 -4.84 9.02
N MET A 221 -1.33 -5.45 8.30
CA MET A 221 0.10 -5.39 8.67
C MET A 221 0.97 -4.59 7.71
N SER A 222 0.37 -3.76 6.84
CA SER A 222 1.14 -3.03 5.83
C SER A 222 0.60 -1.60 5.74
N THR A 223 0.97 -0.91 4.66
CA THR A 223 0.31 0.27 4.12
C THR A 223 0.63 1.56 4.90
N VAL A 224 0.40 1.61 6.22
CA VAL A 224 0.64 2.86 6.98
C VAL A 224 2.06 3.38 6.85
N PRO A 225 3.13 2.56 6.87
CA PRO A 225 4.50 3.14 6.68
C PRO A 225 4.67 3.86 5.35
N GLU A 226 4.21 3.26 4.25
CA GLU A 226 4.30 3.89 2.91
C GLU A 226 3.44 5.14 2.84
N VAL A 227 2.22 5.11 3.40
CA VAL A 227 1.36 6.30 3.43
C VAL A 227 2.07 7.46 4.11
N ILE A 228 2.71 7.23 5.27
CA ILE A 228 3.38 8.31 6.00
C ILE A 228 4.55 8.89 5.19
N ILE A 229 5.37 8.03 4.57
CA ILE A 229 6.50 8.54 3.76
C ILE A 229 5.98 9.34 2.56
N ALA A 230 4.91 8.86 1.89
CA ALA A 230 4.29 9.59 0.78
C ALA A 230 3.76 10.95 1.24
N CYS A 231 3.01 10.97 2.34
CA CYS A 231 2.41 12.23 2.82
C CYS A 231 3.50 13.25 3.20
N HIS A 232 4.59 12.77 3.83
CA HIS A 232 5.71 13.62 4.21
C HIS A 232 6.28 14.36 3.01
N CYS A 233 6.35 13.72 1.83
CA CYS A 233 6.93 14.36 0.66
C CYS A 233 5.90 14.82 -0.37
N GLY A 234 4.62 14.93 0.01
CA GLY A 234 3.64 15.57 -0.84
C GLY A 234 2.99 14.73 -1.93
N ILE A 235 3.02 13.40 -1.82
CA ILE A 235 2.37 12.49 -2.76
C ILE A 235 0.96 12.16 -2.25
N LYS A 236 -0.05 12.32 -3.13
CA LYS A 236 -1.44 11.97 -2.82
C LYS A 236 -1.61 10.44 -2.77
N VAL A 237 -2.50 9.94 -1.90
CA VAL A 237 -2.68 8.50 -1.68
C VAL A 237 -4.14 8.08 -1.80
N LEU A 238 -4.41 6.95 -2.50
CA LEU A 238 -5.63 6.16 -2.38
C LEU A 238 -5.22 4.76 -1.90
N ALA A 239 -5.85 4.27 -0.82
CA ALA A 239 -5.56 2.95 -0.25
C ALA A 239 -6.86 2.18 -0.08
N VAL A 240 -6.90 0.92 -0.56
CA VAL A 240 -8.10 0.10 -0.55
C VAL A 240 -7.76 -1.26 0.09
N SER A 241 -8.54 -1.65 1.10
CA SER A 241 -8.43 -2.97 1.74
C SER A 241 -9.44 -3.95 1.14
N LEU A 242 -8.98 -5.18 0.87
CA LEU A 242 -9.85 -6.32 0.57
C LEU A 242 -10.02 -7.13 1.85
N ILE A 243 -11.27 -7.30 2.29
CA ILE A 243 -11.59 -7.92 3.58
C ILE A 243 -11.59 -9.44 3.42
N ALA A 244 -10.76 -10.12 4.22
CA ALA A 244 -10.69 -11.58 4.12
C ALA A 244 -11.67 -12.30 5.04
N ASN A 245 -12.14 -11.65 6.10
CA ASN A 245 -12.92 -12.31 7.17
C ASN A 245 -13.53 -11.21 8.03
N ASN A 246 -14.37 -11.63 9.01
CA ASN A 246 -14.75 -10.73 10.10
C ASN A 246 -14.18 -11.31 11.40
N SER A 247 -13.18 -10.62 11.97
CA SER A 247 -12.46 -11.16 13.13
C SER A 247 -13.31 -11.15 14.40
N ILE A 248 -14.31 -10.27 14.49
CA ILE A 248 -15.18 -10.25 15.65
C ILE A 248 -16.12 -11.47 15.63
N LEU A 249 -16.72 -11.79 14.48
CA LEU A 249 -17.52 -13.01 14.38
C LEU A 249 -16.66 -14.25 14.69
N ASP A 250 -15.44 -14.29 14.15
CA ASP A 250 -14.59 -15.45 14.37
C ASP A 250 -14.27 -15.61 15.86
N ALA A 251 -14.09 -14.50 16.56
CA ALA A 251 -13.82 -14.61 18.00
C ALA A 251 -15.03 -15.14 18.77
N GLU A 252 -16.24 -14.67 18.42
CA GLU A 252 -17.47 -15.14 19.07
C GLU A 252 -17.75 -16.62 18.82
N ASN A 253 -17.37 -17.13 17.64
CA ASN A 253 -17.65 -18.50 17.25
C ASN A 253 -16.47 -19.46 17.45
N ASP A 254 -15.34 -18.99 17.96
CA ASP A 254 -14.13 -19.80 18.13
C ASP A 254 -13.65 -20.41 16.81
N VAL A 255 -13.61 -19.58 15.76
CA VAL A 255 -13.17 -19.95 14.43
C VAL A 255 -11.91 -19.15 14.10
N SER A 256 -11.05 -19.70 13.23
CA SER A 256 -9.74 -19.11 13.00
C SER A 256 -9.49 -18.69 11.55
N ILE A 257 -8.53 -17.77 11.36
CA ILE A 257 -8.08 -17.36 10.04
C ILE A 257 -6.67 -17.89 9.81
N ASN A 258 -6.31 -18.06 8.53
CA ASN A 258 -4.96 -18.46 8.15
C ASN A 258 -4.65 -17.93 6.75
N HIS A 259 -3.37 -18.03 6.37
CA HIS A 259 -2.90 -17.38 5.14
C HIS A 259 -3.49 -18.05 3.90
N GLU A 260 -3.78 -19.34 3.97
CA GLU A 260 -4.42 -20.04 2.84
C GLU A 260 -5.82 -19.50 2.58
N LYS A 261 -6.61 -19.25 3.64
CA LYS A 261 -7.95 -18.68 3.49
C LYS A 261 -7.87 -17.26 2.95
N VAL A 262 -6.88 -16.49 3.40
CA VAL A 262 -6.72 -15.13 2.91
C VAL A 262 -6.45 -15.14 1.41
N LEU A 263 -5.52 -15.99 0.96
CA LEU A 263 -5.17 -15.98 -0.47
C LEU A 263 -6.33 -16.45 -1.33
N ALA A 264 -7.20 -17.30 -0.80
CA ALA A 264 -8.35 -17.76 -1.57
C ALA A 264 -9.35 -16.63 -1.81
N VAL A 265 -9.52 -15.73 -0.83
CA VAL A 265 -10.36 -14.55 -1.05
C VAL A 265 -9.73 -13.62 -2.08
N ALA A 266 -8.40 -13.42 -2.01
CA ALA A 266 -7.74 -12.61 -3.01
C ALA A 266 -7.98 -13.15 -4.43
N GLU A 267 -7.89 -14.46 -4.62
CA GLU A 267 -8.11 -15.01 -5.96
C GLU A 267 -9.55 -14.80 -6.44
N LYS A 268 -10.52 -14.82 -5.53
CA LYS A 268 -11.92 -14.61 -5.89
C LYS A 268 -12.17 -13.19 -6.41
N ARG A 269 -11.50 -12.19 -5.84
CA ARG A 269 -11.73 -10.78 -6.17
C ARG A 269 -10.66 -10.16 -7.07
N ALA A 270 -9.63 -10.92 -7.46
CA ALA A 270 -8.50 -10.36 -8.20
C ALA A 270 -8.93 -9.69 -9.51
N ASP A 271 -9.76 -10.35 -10.31
CA ASP A 271 -10.09 -9.79 -11.61
C ASP A 271 -10.86 -8.48 -11.47
N LEU A 272 -11.78 -8.40 -10.51
CA LEU A 272 -12.58 -7.18 -10.36
C LEU A 272 -11.70 -6.03 -9.90
N LEU A 273 -10.79 -6.30 -8.98
CA LEU A 273 -9.90 -5.27 -8.48
C LEU A 273 -8.96 -4.77 -9.57
N GLN A 274 -8.49 -5.68 -10.42
CA GLN A 274 -7.63 -5.30 -11.54
C GLN A 274 -8.34 -4.32 -12.48
N MET A 275 -9.61 -4.61 -12.78
CA MET A 275 -10.39 -3.75 -13.67
C MET A 275 -10.67 -2.40 -13.04
N TRP A 276 -11.01 -2.40 -11.76
CA TRP A 276 -11.26 -1.17 -11.01
C TRP A 276 -10.05 -0.24 -11.03
N PHE A 277 -8.87 -0.78 -10.72
CA PHE A 277 -7.68 0.09 -10.61
C PHE A 277 -7.20 0.53 -11.99
N LYS A 278 -7.42 -0.28 -13.04
CA LYS A 278 -7.12 0.16 -14.39
C LYS A 278 -7.94 1.39 -14.75
N GLU A 279 -9.23 1.39 -14.39
CA GLU A 279 -10.08 2.54 -14.71
C GLU A 279 -9.73 3.75 -13.83
N ILE A 280 -9.41 3.54 -12.55
CA ILE A 280 -8.96 4.64 -11.69
C ILE A 280 -7.75 5.32 -12.32
N ILE A 281 -6.74 4.54 -12.71
CA ILE A 281 -5.54 5.09 -13.34
C ILE A 281 -5.93 5.91 -14.57
N THR A 282 -6.79 5.34 -15.42
CA THR A 282 -7.20 6.02 -16.64
C THR A 282 -7.84 7.38 -16.35
N ARG A 283 -8.64 7.46 -15.29
CA ARG A 283 -9.49 8.60 -15.01
C ARG A 283 -8.87 9.64 -14.07
N LEU A 284 -7.70 9.36 -13.50
CA LEU A 284 -7.10 10.32 -12.58
C LEU A 284 -7.00 11.69 -13.23
N PRO A 285 -7.30 12.77 -12.50
CA PRO A 285 -7.28 14.11 -13.08
C PRO A 285 -5.97 14.44 -13.80
S DMS B . 12.94 8.44 7.82
O DMS B . 14.02 9.28 7.16
C1 DMS B . 12.86 6.90 6.88
C2 DMS B . 13.60 7.81 9.36
H11 DMS B . 12.54 7.10 5.90
H12 DMS B . 13.82 6.47 6.85
H13 DMS B . 12.19 6.24 7.35
H21 DMS B . 12.90 7.14 9.80
H22 DMS B . 13.80 8.61 10.02
H23 DMS B . 14.50 7.28 9.16
S DMS C . 2.58 16.87 5.58
O DMS C . 2.69 17.75 6.83
C1 DMS C . 1.06 17.40 4.73
C2 DMS C . 3.82 17.37 4.36
H11 DMS C . 0.98 16.89 3.80
H12 DMS C . 1.10 18.44 4.56
H13 DMS C . 0.23 17.17 5.33
H21 DMS C . 4.79 17.18 4.75
H22 DMS C . 3.72 18.40 4.16
H23 DMS C . 3.69 16.81 3.47
S DMS D . -0.60 -7.30 2.30
O DMS D . -1.73 -7.81 1.46
C1 DMS D . 0.75 -6.77 1.27
C2 DMS D . -1.03 -6.00 3.40
H11 DMS D . 0.40 -6.06 0.56
H12 DMS D . 1.15 -7.61 0.76
H13 DMS D . 1.50 -6.33 1.87
H21 DMS D . -1.48 -5.21 2.85
H22 DMS D . -0.15 -5.65 3.88
H23 DMS D . -1.71 -6.36 4.12
S DMS E . -1.60 -11.76 5.02
O DMS E . -2.44 -12.96 5.23
C1 DMS E . -2.34 -10.28 4.29
C2 DMS E . -1.04 -11.13 6.63
H11 DMS E . -3.19 -9.99 4.87
H12 DMS E . -2.64 -10.49 3.30
H13 DMS E . -1.63 -9.49 4.30
H21 DMS E . -0.41 -11.84 7.08
H22 DMS E . -1.88 -10.95 7.25
H23 DMS E . -0.51 -10.23 6.48
S DMS F . 11.59 16.15 -3.25
O DMS F . 11.31 16.73 -4.60
C1 DMS F . 13.26 16.67 -2.79
C2 DMS F . 10.53 17.01 -2.05
H11 DMS F . 13.32 17.73 -2.85
H12 DMS F . 13.96 16.24 -3.46
H13 DMS F . 13.48 16.35 -1.80
H21 DMS F . 9.51 16.79 -2.26
H22 DMS F . 10.69 18.06 -2.12
H23 DMS F . 10.76 16.68 -1.07
S DMS G . 16.12 -9.05 6.71
O DMS G . 15.15 -9.93 6.00
C1 DMS G . 15.49 -7.35 6.71
C2 DMS G . 16.13 -9.36 8.50
H11 DMS G . 16.13 -6.74 7.29
H12 DMS G . 14.52 -7.33 7.13
H13 DMS G . 15.46 -6.98 5.72
H21 DMS G . 16.49 -10.33 8.68
H22 DMS G . 15.15 -9.26 8.88
H23 DMS G . 16.77 -8.65 8.97
C4 CGD H . -6.34 -10.88 6.68
C5 CGD H . -5.32 -10.24 6.68
C6 CGD H . -4.66 -9.58 7.82
C3 CGD H . -6.97 -11.08 7.52
C2 CGD H . -6.79 -10.75 8.64
C1 CGD H . -5.66 -9.92 9.12
O CGD H . -3.09 -7.89 10.85
C CGD H . -3.83 -8.58 9.91
S CGD H . -3.42 -8.70 8.30
N CGD H . -5.08 -9.28 10.40
H3 CGD H . -6.61 -11.23 5.86
H4 CGD H . -4.90 -10.16 5.85
H2 CGD H . -7.72 -11.60 7.36
H1 CGD H . -7.42 -10.99 9.27
H CGD H . -3.59 -7.63 11.46
#